data_4TT4
#
_entry.id   4TT4
#
_cell.length_a   108.160
_cell.length_b   115.680
_cell.length_c   77.500
_cell.angle_alpha   90.000
_cell.angle_beta   90.000
_cell.angle_gamma   90.000
#
_symmetry.space_group_name_H-M   'C 2 2 21'
#
loop_
_entity.id
_entity.type
_entity.pdbx_description
1 polymer 'ATPase family AAA domain-containing protein 2'
2 polymer 'Histone H3(1-21)K4Ac'
3 non-polymer 'SULFATE ION'
4 non-polymer 'CHLORIDE ION'
5 water water
#
loop_
_entity_poly.entity_id
_entity_poly.type
_entity_poly.pdbx_seq_one_letter_code
_entity_poly.pdbx_strand_id
1 'polypeptide(L)'
;SMQEEDTFRELRIFLRNVTHRLAIDKRFRVFTKPVDPDEVPDYVTVIKQPMDLSSVISKIDLHKYLTVKDYLRDIDLICS
NALEYNPDRDPGDRLIRHRACALRDTAYAIIKEELDEDFEQLCEEIQESR
;
A,B
2 'polypeptide(L)' STGG(ALY) P
#
# COMPACT_ATOMS: atom_id res chain seq x y z
N SER A 1 0.70 -12.20 3.94
CA SER A 1 -0.64 -12.65 4.42
C SER A 1 -1.50 -13.07 3.23
N MET A 2 -2.41 -13.99 3.47
CA MET A 2 -3.32 -14.50 2.45
C MET A 2 -4.08 -13.38 1.76
N GLN A 3 -4.56 -12.42 2.54
CA GLN A 3 -5.27 -11.25 1.99
C GLN A 3 -4.38 -10.42 1.06
N GLU A 4 -3.13 -10.25 1.45
CA GLU A 4 -2.19 -9.54 0.59
C GLU A 4 -1.95 -10.32 -0.71
N GLU A 5 -1.69 -11.62 -0.58
CA GLU A 5 -1.42 -12.43 -1.77
C GLU A 5 -2.59 -12.44 -2.74
N ASP A 6 -3.80 -12.44 -2.21
CA ASP A 6 -5.00 -12.36 -3.02
C ASP A 6 -5.13 -11.03 -3.77
N THR A 7 -4.77 -9.93 -3.12
CA THR A 7 -4.71 -8.64 -3.83
C THR A 7 -3.80 -8.72 -5.05
N PHE A 8 -2.62 -9.32 -4.88
CA PHE A 8 -1.65 -9.39 -5.97
C PHE A 8 -2.05 -10.41 -7.01
N ARG A 9 -2.75 -11.47 -6.61
CA ARG A 9 -3.32 -12.38 -7.60
C ARG A 9 -4.33 -11.68 -8.53
N GLU A 10 -5.17 -10.81 -7.96
CA GLU A 10 -6.12 -10.02 -8.77
C GLU A 10 -5.38 -9.10 -9.75
N LEU A 11 -4.35 -8.43 -9.25
CA LEU A 11 -3.49 -7.61 -10.10
C LEU A 11 -2.93 -8.43 -11.27
N ARG A 12 -2.43 -9.62 -10.98
CA ARG A 12 -1.83 -10.45 -12.01
C ARG A 12 -2.80 -10.86 -13.10
N ILE A 13 -4.00 -11.28 -12.72
CA ILE A 13 -5.06 -11.62 -13.68
C ILE A 13 -5.35 -10.43 -14.61
N PHE A 14 -5.40 -9.24 -14.03
CA PHE A 14 -5.64 -8.02 -14.79
C PHE A 14 -4.52 -7.70 -15.76
N LEU A 15 -3.29 -7.81 -15.28
CA LEU A 15 -2.12 -7.50 -16.10
C LEU A 15 -1.92 -8.48 -17.25
N ARG A 16 -2.27 -9.74 -17.03
CA ARG A 16 -2.23 -10.72 -18.10
C ARG A 16 -3.25 -10.36 -19.16
N ASN A 17 -4.41 -9.95 -18.71
CA ASN A 17 -5.48 -9.60 -19.62
C ASN A 17 -5.11 -8.43 -20.51
N VAL A 18 -4.58 -7.38 -19.90
CA VAL A 18 -4.16 -6.17 -20.61
C VAL A 18 -3.06 -6.50 -21.61
N THR A 19 -2.10 -7.31 -21.17
CA THR A 19 -0.98 -7.69 -22.00
C THR A 19 -1.46 -8.58 -23.16
N HIS A 20 -2.36 -9.51 -22.91
CA HIS A 20 -2.88 -10.35 -24.00
C HIS A 20 -3.62 -9.52 -25.06
N ARG A 21 -4.31 -8.47 -24.62
CA ARG A 21 -4.95 -7.57 -25.57
C ARG A 21 -3.96 -6.80 -26.40
N LEU A 22 -2.89 -6.33 -25.78
CA LEU A 22 -1.85 -5.64 -26.54
C LEU A 22 -1.22 -6.59 -27.55
N ALA A 23 -1.02 -7.84 -27.14
CA ALA A 23 -0.25 -8.80 -27.95
C ALA A 23 -0.98 -9.31 -29.20
N ILE A 24 -2.31 -9.28 -29.19
CA ILE A 24 -3.06 -9.76 -30.34
C ILE A 24 -3.32 -8.65 -31.35
N ASP A 25 -2.98 -7.41 -31.00
CA ASP A 25 -3.09 -6.30 -31.95
C ASP A 25 -1.99 -6.40 -33.03
N LYS A 26 -2.38 -6.43 -34.31
CA LYS A 26 -1.45 -6.54 -35.44
C LYS A 26 -0.37 -5.47 -35.45
N ARG A 27 -0.72 -4.25 -35.05
CA ARG A 27 0.23 -3.13 -34.98
C ARG A 27 1.43 -3.40 -34.09
N PHE A 28 1.18 -4.18 -33.04
CA PHE A 28 2.16 -4.38 -32.00
C PHE A 28 2.93 -5.69 -32.13
N ARG A 29 2.74 -6.43 -33.23
CA ARG A 29 3.36 -7.75 -33.39
C ARG A 29 4.88 -7.71 -33.19
N VAL A 30 5.53 -6.68 -33.72
CA VAL A 30 6.99 -6.48 -33.60
C VAL A 30 7.48 -6.40 -32.13
N PHE A 31 6.61 -5.95 -31.23
CA PHE A 31 6.94 -5.81 -29.81
C PHE A 31 6.59 -7.03 -28.98
N THR A 32 6.13 -8.11 -29.59
CA THR A 32 5.61 -9.25 -28.85
C THR A 32 6.71 -10.18 -28.40
N LYS A 33 7.82 -10.16 -29.11
CA LYS A 33 8.89 -11.11 -28.87
C LYS A 33 10.23 -10.39 -28.74
N PRO A 34 11.20 -11.05 -28.08
CA PRO A 34 12.54 -10.48 -27.98
C PRO A 34 13.21 -10.40 -29.35
N VAL A 35 14.03 -9.38 -29.53
CA VAL A 35 14.81 -9.21 -30.74
C VAL A 35 15.74 -10.42 -30.91
N ASP A 36 15.69 -11.04 -32.09
CA ASP A 36 16.55 -12.19 -32.37
C ASP A 36 18.01 -11.74 -32.40
N PRO A 37 18.85 -12.32 -31.52
CA PRO A 37 20.26 -11.89 -31.43
C PRO A 37 21.05 -11.99 -32.73
N ASP A 38 20.63 -12.86 -33.66
CA ASP A 38 21.35 -12.98 -34.93
C ASP A 38 20.83 -11.91 -35.92
N GLU A 39 19.55 -11.94 -36.31
CA GLU A 39 19.02 -10.92 -37.23
C GLU A 39 19.57 -9.53 -36.93
N VAL A 40 19.47 -9.15 -35.66
CA VAL A 40 19.96 -7.85 -35.21
C VAL A 40 21.00 -8.08 -34.12
N PRO A 41 22.27 -8.24 -34.52
CA PRO A 41 23.33 -8.46 -33.54
C PRO A 41 23.69 -7.19 -32.77
N ASP A 42 23.42 -6.04 -33.39
CA ASP A 42 23.76 -4.74 -32.79
C ASP A 42 22.68 -4.23 -31.85
N TYR A 43 21.57 -4.97 -31.71
CA TYR A 43 20.52 -4.53 -30.80
C TYR A 43 21.02 -4.48 -29.36
N VAL A 44 21.66 -5.57 -28.92
CA VAL A 44 22.27 -5.62 -27.59
C VAL A 44 23.28 -4.47 -27.35
N THR A 45 24.01 -4.06 -28.38
CA THR A 45 25.04 -3.05 -28.20
C THR A 45 24.48 -1.63 -28.05
N VAL A 46 23.24 -1.40 -28.47
CA VAL A 46 22.65 -0.05 -28.29
C VAL A 46 21.57 0.03 -27.21
N ILE A 47 20.85 -1.05 -26.95
CA ILE A 47 19.78 -1.06 -25.95
C ILE A 47 20.27 -1.78 -24.68
N LYS A 48 20.21 -1.11 -23.54
CA LYS A 48 20.72 -1.66 -22.28
C LYS A 48 19.73 -2.58 -21.56
N GLN A 49 18.43 -2.32 -21.69
CA GLN A 49 17.39 -3.16 -21.08
C GLN A 49 16.33 -3.56 -22.09
N PRO A 50 16.58 -4.65 -22.84
CA PRO A 50 15.57 -5.15 -23.77
C PRO A 50 14.26 -5.49 -23.08
N MET A 51 13.14 -5.19 -23.70
CA MET A 51 11.86 -5.54 -23.15
C MET A 51 10.84 -5.82 -24.26
N ASP A 52 9.92 -6.74 -23.98
CA ASP A 52 8.88 -7.09 -24.93
C ASP A 52 7.73 -7.75 -24.19
N LEU A 53 6.62 -7.94 -24.90
CA LEU A 53 5.40 -8.36 -24.25
C LEU A 53 5.46 -9.77 -23.72
N SER A 54 6.19 -10.68 -24.36
CA SER A 54 6.30 -12.04 -23.81
C SER A 54 7.17 -12.08 -22.53
N SER A 55 8.12 -11.15 -22.43
CA SER A 55 8.95 -11.03 -21.22
C SER A 55 8.12 -10.49 -20.09
N VAL A 56 7.32 -9.47 -20.41
CA VAL A 56 6.37 -8.90 -19.48
C VAL A 56 5.45 -9.97 -18.89
N ILE A 57 5.01 -10.91 -19.73
CA ILE A 57 4.23 -12.05 -19.24
C ILE A 57 5.03 -12.92 -18.29
N SER A 58 6.31 -13.13 -18.58
CA SER A 58 7.16 -13.92 -17.68
C SER A 58 7.28 -13.27 -16.32
N LYS A 59 7.49 -11.96 -16.30
CA LYS A 59 7.64 -11.23 -15.06
C LYS A 59 6.36 -11.21 -14.22
N ILE A 60 5.21 -11.20 -14.91
CA ILE A 60 3.93 -11.29 -14.23
C ILE A 60 3.88 -12.60 -13.49
N ASP A 61 4.14 -13.68 -14.22
CA ASP A 61 4.06 -15.02 -13.63
C ASP A 61 5.11 -15.26 -12.56
N LEU A 62 6.21 -14.51 -12.62
CA LEU A 62 7.23 -14.49 -11.57
C LEU A 62 6.96 -13.51 -10.42
N HIS A 63 5.75 -12.97 -10.34
CA HIS A 63 5.39 -12.10 -9.23
C HIS A 63 6.33 -10.89 -9.11
N LYS A 64 6.84 -10.44 -10.25
CA LYS A 64 7.73 -9.30 -10.27
C LYS A 64 6.98 -7.98 -10.28
N TYR A 65 5.67 -7.99 -10.60
CA TYR A 65 4.87 -6.75 -10.57
C TYR A 65 3.95 -6.77 -9.37
N LEU A 66 4.09 -5.76 -8.53
CA LEU A 66 3.24 -5.57 -7.35
C LEU A 66 2.35 -4.37 -7.52
N THR A 67 2.67 -3.51 -8.47
CA THR A 67 1.78 -2.43 -8.82
C THR A 67 1.57 -2.41 -10.32
N VAL A 68 0.60 -1.60 -10.72
CA VAL A 68 0.37 -1.25 -12.13
C VAL A 68 1.46 -0.28 -12.60
N LYS A 69 1.88 0.60 -11.70
CA LYS A 69 2.96 1.53 -11.99
C LYS A 69 4.29 0.84 -12.37
N ASP A 70 4.55 -0.33 -11.80
CA ASP A 70 5.72 -1.12 -12.15
C ASP A 70 5.57 -1.79 -13.52
N TYR A 71 4.35 -2.24 -13.83
CA TYR A 71 4.03 -2.77 -15.14
C TYR A 71 4.22 -1.71 -16.22
N LEU A 72 3.63 -0.54 -16.02
CA LEU A 72 3.75 0.54 -16.97
C LEU A 72 5.18 1.02 -17.18
N ARG A 73 6.01 0.82 -16.17
CA ARG A 73 7.41 1.16 -16.27
C ARG A 73 8.04 0.34 -17.40
N ASP A 74 7.67 -0.93 -17.48
CA ASP A 74 8.17 -1.83 -18.54
C ASP A 74 7.56 -1.57 -19.91
N ILE A 75 6.30 -1.15 -19.95
CA ILE A 75 5.64 -0.75 -21.19
C ILE A 75 6.29 0.50 -21.74
N ASP A 76 6.59 1.45 -20.86
CA ASP A 76 7.33 2.64 -21.25
C ASP A 76 8.68 2.28 -21.85
N LEU A 77 9.31 1.28 -21.25
CA LEU A 77 10.60 0.82 -21.69
C LEU A 77 10.53 0.28 -23.11
N ILE A 78 9.51 -0.51 -23.39
CA ILE A 78 9.31 -1.04 -24.73
C ILE A 78 9.19 0.11 -25.73
N CYS A 79 8.35 1.08 -25.41
CA CYS A 79 8.21 2.27 -26.24
C CYS A 79 9.53 3.02 -26.40
N SER A 80 10.17 3.36 -25.29
CA SER A 80 11.40 4.17 -25.34
C SER A 80 12.55 3.46 -26.06
N ASN A 81 12.62 2.14 -25.98
CA ASN A 81 13.64 1.36 -26.68
C ASN A 81 13.46 1.46 -28.17
N ALA A 82 12.23 1.24 -28.62
CA ALA A 82 11.87 1.39 -30.04
C ALA A 82 12.17 2.80 -30.60
N LEU A 83 11.95 3.84 -29.79
CA LEU A 83 12.28 5.21 -30.22
C LEU A 83 13.78 5.44 -30.34
N GLU A 84 14.54 4.88 -29.41
CA GLU A 84 16.01 4.96 -29.43
C GLU A 84 16.58 4.22 -30.61
N TYR A 85 16.14 2.98 -30.78
CA TYR A 85 16.70 2.11 -31.81
C TYR A 85 16.34 2.51 -33.23
N ASN A 86 15.16 3.09 -33.42
CA ASN A 86 14.65 3.39 -34.75
C ASN A 86 14.35 4.89 -34.83
N PRO A 87 15.39 5.74 -34.82
CA PRO A 87 15.16 7.19 -34.77
C PRO A 87 15.14 7.91 -36.12
N ASP A 88 15.26 7.20 -37.24
CA ASP A 88 15.49 7.87 -38.54
C ASP A 88 14.26 8.53 -39.16
N ARG A 89 14.50 9.47 -40.07
CA ARG A 89 13.44 10.17 -40.78
C ARG A 89 12.64 9.26 -41.70
N ASP A 90 13.25 8.17 -42.20
CA ASP A 90 12.58 7.32 -43.16
C ASP A 90 11.24 6.75 -42.63
N PRO A 91 10.25 6.57 -43.53
CA PRO A 91 8.92 6.06 -43.19
C PRO A 91 8.88 4.75 -42.39
N GLY A 92 9.81 3.83 -42.65
CA GLY A 92 9.83 2.56 -41.93
C GLY A 92 10.10 2.69 -40.44
N ASP A 93 10.91 3.70 -40.07
CA ASP A 93 11.17 4.02 -38.69
C ASP A 93 10.00 4.76 -38.07
N ARG A 94 9.48 5.77 -38.76
CA ARG A 94 8.27 6.50 -38.32
C ARG A 94 7.13 5.57 -37.94
N LEU A 95 6.91 4.55 -38.78
CA LEU A 95 5.88 3.56 -38.53
C LEU A 95 6.14 2.83 -37.21
N ILE A 96 7.38 2.41 -36.99
CA ILE A 96 7.71 1.71 -35.77
C ILE A 96 7.54 2.63 -34.55
N ARG A 97 8.02 3.87 -34.67
CA ARG A 97 7.86 4.84 -33.58
C ARG A 97 6.40 5.17 -33.29
N HIS A 98 5.58 5.22 -34.33
CA HIS A 98 4.16 5.43 -34.14
C HIS A 98 3.51 4.23 -33.47
N ARG A 99 3.85 3.03 -33.90
CA ARG A 99 3.32 1.83 -33.25
C ARG A 99 3.74 1.72 -31.79
N ALA A 100 4.96 2.13 -31.50
CA ALA A 100 5.49 2.08 -30.15
C ALA A 100 4.71 3.02 -29.22
N CYS A 101 4.50 4.26 -29.65
CA CYS A 101 3.67 5.19 -28.87
C CYS A 101 2.20 4.77 -28.80
N ALA A 102 1.71 4.12 -29.83
CA ALA A 102 0.36 3.63 -29.82
C ALA A 102 0.19 2.53 -28.79
N LEU A 103 1.21 1.66 -28.68
CA LEU A 103 1.21 0.60 -27.68
C LEU A 103 1.17 1.20 -26.27
N ARG A 104 2.06 2.15 -26.01
CA ARG A 104 2.10 2.79 -24.72
C ARG A 104 0.76 3.43 -24.41
N ASP A 105 0.32 4.34 -25.29
CA ASP A 105 -0.94 5.08 -25.14
C ASP A 105 -2.10 4.13 -24.85
N THR A 106 -2.18 3.06 -25.63
CA THR A 106 -3.23 2.04 -25.45
C THR A 106 -3.20 1.43 -24.05
N ALA A 107 -2.03 0.95 -23.61
CA ALA A 107 -1.90 0.36 -22.28
C ALA A 107 -2.35 1.34 -21.19
N TYR A 108 -1.92 2.59 -21.26
CA TYR A 108 -2.33 3.60 -20.26
C TYR A 108 -3.83 3.84 -20.27
N ALA A 109 -4.40 3.87 -21.46
CA ALA A 109 -5.80 4.19 -21.63
C ALA A 109 -6.68 3.04 -21.14
N ILE A 110 -6.20 1.81 -21.29
CA ILE A 110 -6.91 0.66 -20.72
C ILE A 110 -6.92 0.76 -19.19
N ILE A 111 -5.74 1.00 -18.65
CA ILE A 111 -5.58 1.15 -17.19
C ILE A 111 -6.41 2.33 -16.65
N LYS A 112 -6.35 3.47 -17.32
CA LYS A 112 -7.14 4.61 -16.91
C LYS A 112 -8.61 4.27 -16.88
N GLU A 113 -9.06 3.41 -17.78
CA GLU A 113 -10.46 3.09 -17.91
C GLU A 113 -10.86 2.05 -16.90
N GLU A 114 -10.02 1.05 -16.69
CA GLU A 114 -10.46 -0.17 -16.00
C GLU A 114 -9.92 -0.36 -14.58
N LEU A 115 -8.94 0.40 -14.16
CA LEU A 115 -8.32 0.18 -12.86
C LEU A 115 -8.93 1.03 -11.80
N ASP A 116 -9.26 0.40 -10.67
CA ASP A 116 -9.73 1.11 -9.51
C ASP A 116 -8.56 1.76 -8.78
N GLU A 117 -8.62 3.07 -8.58
CA GLU A 117 -7.49 3.77 -7.93
C GLU A 117 -7.19 3.29 -6.52
N ASP A 118 -8.23 2.90 -5.79
CA ASP A 118 -8.10 2.34 -4.44
C ASP A 118 -7.50 0.94 -4.44
N PHE A 119 -7.70 0.19 -5.52
CA PHE A 119 -7.06 -1.10 -5.63
C PHE A 119 -5.58 -0.91 -5.86
N GLU A 120 -5.26 0.04 -6.73
CA GLU A 120 -3.86 0.34 -7.04
C GLU A 120 -3.19 0.91 -5.81
N GLN A 121 -3.89 1.80 -5.12
CA GLN A 121 -3.37 2.42 -3.94
C GLN A 121 -3.05 1.38 -2.89
N LEU A 122 -3.93 0.40 -2.71
CA LEU A 122 -3.65 -0.72 -1.80
C LEU A 122 -2.36 -1.47 -2.19
N CYS A 123 -2.24 -1.75 -3.49
CA CYS A 123 -1.10 -2.51 -4.00
C CYS A 123 0.20 -1.80 -3.67
N GLU A 124 0.17 -0.48 -3.82
CA GLU A 124 1.31 0.35 -3.56
C GLU A 124 1.73 0.31 -2.11
N GLU A 125 0.75 0.34 -1.22
CA GLU A 125 1.04 0.39 0.20
C GLU A 125 1.56 -0.97 0.72
N ILE A 126 1.03 -2.08 0.19
CA ILE A 126 1.58 -3.40 0.52
C ILE A 126 3.03 -3.46 0.05
N GLN A 127 3.28 -2.96 -1.16
CA GLN A 127 4.62 -2.92 -1.67
C GLN A 127 5.57 -2.10 -0.80
N GLU A 128 5.17 -0.89 -0.37
CA GLU A 128 6.01 -0.08 0.52
C GLU A 128 6.29 -0.75 1.84
N SER A 129 5.34 -1.56 2.31
CA SER A 129 5.50 -2.28 3.57
C SER A 129 6.55 -3.38 3.50
N ARG A 130 6.87 -3.84 2.30
CA ARG A 130 7.79 -4.94 2.09
C ARG A 130 9.26 -4.49 1.92
N SER B 1 1.93 7.34 45.57
CA SER B 1 3.32 7.66 45.94
C SER B 1 4.03 8.27 44.75
N MET B 2 5.01 9.12 45.05
CA MET B 2 5.76 9.82 44.01
C MET B 2 6.39 8.84 43.04
N GLN B 3 6.95 7.75 43.55
CA GLN B 3 7.52 6.70 42.69
C GLN B 3 6.47 6.09 41.76
N GLU B 4 5.27 5.86 42.26
CA GLU B 4 4.20 5.33 41.42
C GLU B 4 3.83 6.36 40.35
N GLU B 5 3.63 7.61 40.75
CA GLU B 5 3.24 8.63 39.79
C GLU B 5 4.28 8.83 38.71
N ASP B 6 5.55 8.72 39.08
CA ASP B 6 6.62 8.81 38.10
C ASP B 6 6.63 7.64 37.13
N THR B 7 6.34 6.43 37.59
CA THR B 7 6.16 5.29 36.68
C THR B 7 5.13 5.61 35.61
N PHE B 8 4.01 6.18 36.01
CA PHE B 8 2.93 6.46 35.08
C PHE B 8 3.26 7.63 34.20
N ARG B 9 4.01 8.60 34.71
CA ARG B 9 4.50 9.68 33.84
C ARG B 9 5.39 9.13 32.72
N GLU B 10 6.26 8.15 33.02
CA GLU B 10 7.10 7.52 32.00
C GLU B 10 6.23 6.79 30.97
N LEU B 11 5.24 6.06 31.44
CA LEU B 11 4.30 5.42 30.54
C LEU B 11 3.67 6.45 29.62
N ARG B 12 3.24 7.58 30.17
CA ARG B 12 2.54 8.60 29.38
C ARG B 12 3.41 9.20 28.27
N ILE B 13 4.67 9.53 28.60
CA ILE B 13 5.62 10.00 27.61
C ILE B 13 5.77 8.99 26.46
N PHE B 14 5.85 7.71 26.80
CA PHE B 14 5.98 6.65 25.82
C PHE B 14 4.75 6.52 24.92
N LEU B 15 3.58 6.55 25.54
CA LEU B 15 2.34 6.42 24.79
C LEU B 15 2.06 7.60 23.86
N ARG B 16 2.47 8.80 24.26
CA ARG B 16 2.34 9.95 23.40
C ARG B 16 3.24 9.78 22.20
N ASN B 17 4.44 9.28 22.45
CA ASN B 17 5.41 9.09 21.41
C ASN B 17 4.91 8.10 20.36
N VAL B 18 4.41 6.97 20.82
CA VAL B 18 3.89 5.92 19.94
C VAL B 18 2.70 6.45 19.14
N THR B 19 1.83 7.16 19.81
CA THR B 19 0.66 7.70 19.16
C THR B 19 1.04 8.77 18.14
N HIS B 20 1.98 9.65 18.46
CA HIS B 20 2.42 10.68 17.50
CA HIS B 20 2.36 10.68 17.48
C HIS B 20 3.02 10.06 16.25
N ARG B 21 3.71 8.94 16.42
CA ARG B 21 4.25 8.22 15.26
C ARG B 21 3.16 7.63 14.40
N LEU B 22 2.13 7.06 15.01
CA LEU B 22 1.01 6.54 14.26
C LEU B 22 0.29 7.66 13.49
N ALA B 23 0.15 8.82 14.15
CA ALA B 23 -0.64 9.91 13.62
C ALA B 23 -0.02 10.63 12.44
N ILE B 24 1.29 10.57 12.30
CA ILE B 24 1.97 11.25 11.18
C ILE B 24 2.10 10.37 9.94
N ASP B 25 1.78 9.09 10.07
CA ASP B 25 1.76 8.18 8.92
C ASP B 25 0.57 8.50 8.02
N LYS B 26 0.85 8.77 6.74
CA LYS B 26 -0.18 9.13 5.76
C LYS B 26 -1.30 8.09 5.63
N ARG B 27 -0.95 6.81 5.72
CA ARG B 27 -1.93 5.72 5.69
C ARG B 27 -3.03 5.83 6.74
N PHE B 28 -2.66 6.38 7.91
CA PHE B 28 -3.52 6.39 9.05
C PHE B 28 -4.25 7.72 9.26
N ARG B 29 -4.14 8.64 8.32
CA ARG B 29 -4.76 9.97 8.46
C ARG B 29 -6.26 9.91 8.79
N VAL B 30 -6.98 9.00 8.14
CA VAL B 30 -8.43 8.80 8.37
C VAL B 30 -8.77 8.44 9.84
N PHE B 31 -7.84 7.82 10.54
CA PHE B 31 -8.03 7.42 11.93
C PHE B 31 -7.55 8.46 12.95
N THR B 32 -7.13 9.63 12.51
CA THR B 32 -6.52 10.60 13.41
C THR B 32 -7.54 11.44 14.13
N LYS B 33 -8.73 11.56 13.55
CA LYS B 33 -9.74 12.46 14.07
C LYS B 33 -11.07 11.74 14.20
N PRO B 34 -11.96 12.27 15.08
CA PRO B 34 -13.30 11.71 15.16
C PRO B 34 -14.08 11.92 13.87
N VAL B 35 -14.96 10.98 13.56
CA VAL B 35 -15.83 11.07 12.38
C VAL B 35 -16.73 12.31 12.51
N ASP B 36 -16.76 13.15 11.49
CA ASP B 36 -17.62 14.34 11.50
C ASP B 36 -19.10 13.92 11.52
N PRO B 37 -19.85 14.36 12.56
CA PRO B 37 -21.24 13.92 12.71
C PRO B 37 -22.14 14.26 11.53
N ASP B 38 -21.76 15.27 10.73
CA ASP B 38 -22.55 15.65 9.56
C ASP B 38 -22.18 14.75 8.39
N GLU B 39 -20.96 14.85 7.87
CA GLU B 39 -20.55 14.02 6.73
C GLU B 39 -21.11 12.62 6.82
N VAL B 40 -20.92 11.99 7.98
CA VAL B 40 -21.41 10.66 8.23
C VAL B 40 -22.35 10.68 9.45
N PRO B 41 -23.64 10.93 9.22
CA PRO B 41 -24.60 11.00 10.30
C PRO B 41 -24.94 9.61 10.85
N ASP B 42 -24.77 8.59 10.02
CA ASP B 42 -25.07 7.21 10.39
C ASP B 42 -23.91 6.51 11.13
N TYR B 43 -22.77 7.19 11.29
CA TYR B 43 -21.65 6.58 12.00
C TYR B 43 -22.03 6.26 13.44
N VAL B 44 -22.59 7.25 14.12
CA VAL B 44 -23.07 7.07 15.50
C VAL B 44 -24.08 5.91 15.62
N THR B 45 -24.91 5.72 14.60
CA THR B 45 -25.96 4.71 14.69
C THR B 45 -25.43 3.28 14.53
N VAL B 46 -24.25 3.11 13.96
CA VAL B 46 -23.67 1.74 13.83
C VAL B 46 -22.50 1.44 14.77
N ILE B 47 -21.72 2.45 15.13
CA ILE B 47 -20.57 2.25 16.03
C ILE B 47 -20.91 2.74 17.42
N LYS B 48 -20.79 1.86 18.42
CA LYS B 48 -21.17 2.20 19.80
C LYS B 48 -20.09 2.96 20.57
N GLN B 49 -18.82 2.70 20.26
CA GLN B 49 -17.71 3.37 20.94
C GLN B 49 -16.71 3.93 19.94
N PRO B 50 -16.99 5.14 19.41
CA PRO B 50 -16.04 5.79 18.51
C PRO B 50 -14.69 5.96 19.15
N MET B 51 -13.64 5.76 18.39
CA MET B 51 -12.30 5.98 18.90
C MET B 51 -11.38 6.44 17.78
N ASP B 52 -10.42 7.28 18.14
CA ASP B 52 -9.47 7.77 17.18
C ASP B 52 -8.22 8.24 17.91
N LEU B 53 -7.19 8.55 17.15
CA LEU B 53 -5.90 8.86 17.74
C LEU B 53 -5.89 10.16 18.54
N SER B 54 -6.66 11.17 18.16
CA SER B 54 -6.66 12.41 18.94
C SER B 54 -7.40 12.24 20.27
N SER B 55 -8.36 11.31 20.30
CA SER B 55 -9.06 10.98 21.54
C SER B 55 -8.13 10.22 22.46
N VAL B 56 -7.40 9.27 21.88
CA VAL B 56 -6.39 8.52 22.59
C VAL B 56 -5.39 9.46 23.27
N ILE B 57 -5.01 10.53 22.59
CA ILE B 57 -4.14 11.55 23.20
C ILE B 57 -4.82 12.25 24.38
N SER B 58 -6.11 12.52 24.27
CA SER B 58 -6.85 13.14 25.37
C SER B 58 -6.87 12.25 26.61
N LYS B 59 -7.10 10.97 26.40
CA LYS B 59 -7.17 10.00 27.49
C LYS B 59 -5.80 9.82 28.16
N ILE B 60 -4.73 9.91 27.38
CA ILE B 60 -3.39 9.87 27.93
C ILE B 60 -3.23 11.03 28.91
N ASP B 61 -3.52 12.23 28.43
CA ASP B 61 -3.32 13.43 29.23
C ASP B 61 -4.25 13.47 30.42
N LEU B 62 -5.38 12.76 30.34
CA LEU B 62 -6.29 12.56 31.46
C LEU B 62 -5.94 11.37 32.38
N HIS B 63 -4.75 10.80 32.21
CA HIS B 63 -4.30 9.74 33.11
C HIS B 63 -5.23 8.54 33.08
N LYS B 64 -5.88 8.32 31.94
CA LYS B 64 -6.81 7.22 31.79
C LYS B 64 -6.11 5.90 31.47
N TYR B 65 -4.85 5.95 31.05
CA TYR B 65 -4.08 4.72 30.78
C TYR B 65 -3.02 4.50 31.86
N LEU B 66 -3.11 3.35 32.50
CA LEU B 66 -2.17 2.95 33.54
C LEU B 66 -1.34 1.81 33.07
N THR B 67 -1.78 1.13 32.02
CA THR B 67 -0.96 0.12 31.39
C THR B 67 -0.90 0.36 29.90
N VAL B 68 0.00 -0.35 29.26
CA VAL B 68 0.07 -0.42 27.81
C VAL B 68 -1.09 -1.26 27.30
N LYS B 69 -1.45 -2.29 28.04
CA LYS B 69 -2.56 -3.15 27.68
C LYS B 69 -3.89 -2.39 27.57
N ASP B 70 -4.04 -1.32 28.35
CA ASP B 70 -5.23 -0.48 28.28
C ASP B 70 -5.22 0.45 27.08
N TYR B 71 -4.03 0.93 26.74
CA TYR B 71 -3.82 1.69 25.51
C TYR B 71 -4.14 0.85 24.28
N LEU B 72 -3.57 -0.35 24.20
CA LEU B 72 -3.82 -1.25 23.09
C LEU B 72 -5.27 -1.69 22.95
N ARG B 73 -5.99 -1.68 24.06
CA ARG B 73 -7.41 -1.96 24.03
C ARG B 73 -8.14 -0.93 23.14
N ASP B 74 -7.75 0.34 23.25
CA ASP B 74 -8.32 1.41 22.41
C ASP B 74 -7.85 1.40 20.96
N ILE B 75 -6.61 0.99 20.73
CA ILE B 75 -6.09 0.84 19.39
C ILE B 75 -6.85 -0.27 18.68
N ASP B 76 -7.09 -1.37 19.38
CA ASP B 76 -7.87 -2.46 18.83
C ASP B 76 -9.26 -1.97 18.43
N LEU B 77 -9.81 -1.10 19.26
CA LEU B 77 -11.14 -0.54 19.03
C LEU B 77 -11.17 0.24 17.73
N ILE B 78 -10.15 1.05 17.51
CA ILE B 78 -10.05 1.82 16.27
C ILE B 78 -10.08 0.88 15.08
N CYS B 79 -9.25 -0.16 15.13
CA CYS B 79 -9.21 -1.17 14.07
C CYS B 79 -10.55 -1.87 13.90
N SER B 80 -11.09 -2.40 14.99
CA SER B 80 -12.35 -3.14 14.91
C SER B 80 -13.55 -2.30 14.46
N ASN B 81 -13.56 -1.01 14.79
CA ASN B 81 -14.62 -0.09 14.32
C ASN B 81 -14.58 0.09 12.82
N ALA B 82 -13.38 0.36 12.30
CA ALA B 82 -13.17 0.47 10.87
C ALA B 82 -13.57 -0.81 10.10
N LEU B 83 -13.29 -1.98 10.67
CA LEU B 83 -13.65 -3.25 10.03
C LEU B 83 -15.16 -3.44 9.98
N GLU B 84 -15.82 -3.06 11.05
CA GLU B 84 -17.25 -3.15 11.13
C GLU B 84 -17.93 -2.16 10.20
N TYR B 85 -17.50 -0.90 10.24
CA TYR B 85 -18.14 0.14 9.46
C TYR B 85 -17.94 0.00 7.96
N ASN B 86 -16.79 -0.54 7.55
CA ASN B 86 -16.40 -0.63 6.14
C ASN B 86 -16.15 -2.08 5.76
N PRO B 87 -17.20 -2.92 5.73
CA PRO B 87 -17.02 -4.35 5.49
C PRO B 87 -17.15 -4.81 4.04
N ASP B 88 -17.37 -3.90 3.10
CA ASP B 88 -17.76 -4.29 1.73
C ASP B 88 -16.61 -4.84 0.88
N ARG B 89 -16.98 -5.59 -0.16
CA ARG B 89 -16.00 -6.14 -1.09
C ARG B 89 -15.27 -5.08 -1.92
N ASP B 90 -15.89 -3.92 -2.12
CA ASP B 90 -15.29 -2.92 -2.99
C ASP B 90 -13.89 -2.49 -2.50
N PRO B 91 -12.98 -2.16 -3.43
CA PRO B 91 -11.61 -1.74 -3.13
C PRO B 91 -11.47 -0.60 -2.12
N GLY B 92 -12.37 0.35 -2.11
CA GLY B 92 -12.29 1.47 -1.17
C GLY B 92 -12.40 1.05 0.28
N ASP B 93 -13.20 0.02 0.54
CA ASP B 93 -13.34 -0.56 1.86
C ASP B 93 -12.14 -1.42 2.21
N ARG B 94 -11.72 -2.28 1.27
CA ARG B 94 -10.49 -3.07 1.45
C ARG B 94 -9.30 -2.24 1.88
N LEU B 95 -9.14 -1.09 1.24
CA LEU B 95 -8.04 -0.17 1.57
C LEU B 95 -8.15 0.30 3.01
N ILE B 96 -9.34 0.68 3.42
CA ILE B 96 -9.53 1.14 4.79
C ILE B 96 -9.26 0.00 5.76
N ARG B 97 -9.77 -1.19 5.47
CA ARG B 97 -9.54 -2.37 6.33
C ARG B 97 -8.08 -2.75 6.42
N HIS B 98 -7.33 -2.62 5.36
CA HIS B 98 -5.93 -2.88 5.47
C HIS B 98 -5.24 -1.80 6.25
N ARG B 99 -5.69 -0.58 6.10
CA ARG B 99 -5.07 0.53 6.76
C ARG B 99 -5.29 0.43 8.24
N ALA B 100 -6.44 -0.08 8.63
CA ALA B 100 -6.83 -0.29 10.01
C ALA B 100 -6.00 -1.39 10.69
N CYS B 101 -5.86 -2.52 10.04
CA CYS B 101 -5.00 -3.57 10.57
C CYS B 101 -3.53 -3.18 10.58
N ALA B 102 -3.13 -2.36 9.63
CA ALA B 102 -1.75 -1.92 9.58
C ALA B 102 -1.47 -1.02 10.77
N LEU B 103 -2.44 -0.18 11.13
CA LEU B 103 -2.31 0.68 12.31
C LEU B 103 -2.18 -0.15 13.59
N ARG B 104 -3.08 -1.11 13.77
CA ARG B 104 -3.02 -1.99 14.92
C ARG B 104 -1.67 -2.71 14.98
N ASP B 105 -1.34 -3.45 13.93
CA ASP B 105 -0.11 -4.21 13.86
C ASP B 105 1.09 -3.35 14.16
N THR B 106 1.12 -2.15 13.59
CA THR B 106 2.22 -1.20 13.82
C THR B 106 2.37 -0.85 15.30
N ALA B 107 1.27 -0.45 15.93
CA ALA B 107 1.28 -0.13 17.37
C ALA B 107 1.80 -1.31 18.22
N TYR B 108 1.31 -2.52 17.99
CA TYR B 108 1.80 -3.69 18.70
C TYR B 108 3.28 -3.93 18.50
N ALA B 109 3.72 -3.75 17.26
CA ALA B 109 5.08 -4.06 16.91
C ALA B 109 6.06 -3.04 17.49
N ILE B 110 5.63 -1.79 17.60
CA ILE B 110 6.42 -0.80 18.30
C ILE B 110 6.56 -1.18 19.77
N ILE B 111 5.44 -1.50 20.40
CA ILE B 111 5.42 -1.92 21.80
C ILE B 111 6.26 -3.18 22.03
N LYS B 112 6.10 -4.18 21.18
CA LYS B 112 6.87 -5.40 21.29
C LYS B 112 8.36 -5.07 21.26
N GLU B 113 8.74 -4.07 20.50
CA GLU B 113 10.13 -3.75 20.33
C GLU B 113 10.65 -2.91 21.46
N GLU B 114 9.87 -1.95 21.92
CA GLU B 114 10.42 -0.88 22.75
C GLU B 114 10.04 -0.92 24.22
N LEU B 115 9.08 -1.76 24.59
CA LEU B 115 8.60 -1.77 25.95
C LEU B 115 9.32 -2.82 26.78
N ASP B 116 9.77 -2.41 27.96
CA ASP B 116 10.35 -3.32 28.93
C ASP B 116 9.24 -4.09 29.65
N GLU B 117 9.29 -5.43 29.62
CA GLU B 117 8.21 -6.21 30.21
C GLU B 117 8.05 -5.98 31.69
N ASP B 118 9.17 -5.71 32.38
CA ASP B 118 9.15 -5.41 33.80
C ASP B 118 8.60 -4.05 34.11
N PHE B 119 8.73 -3.12 33.18
CA PHE B 119 8.12 -1.82 33.37
C PHE B 119 6.63 -1.96 33.24
N GLU B 120 6.19 -2.73 32.25
CA GLU B 120 4.76 -2.99 32.04
C GLU B 120 4.19 -3.77 33.22
N GLN B 121 4.92 -4.78 33.66
CA GLN B 121 4.52 -5.58 34.79
C GLN B 121 4.36 -4.74 36.03
N LEU B 122 5.27 -3.83 36.29
CA LEU B 122 5.13 -2.89 37.39
C LEU B 122 3.85 -2.06 37.26
N CYS B 123 3.61 -1.54 36.06
CA CYS B 123 2.43 -0.70 35.82
C CYS B 123 1.14 -1.46 36.16
N GLU B 124 1.13 -2.73 35.77
CA GLU B 124 -0.02 -3.59 35.99
C GLU B 124 -0.29 -3.80 37.48
N GLU B 125 0.77 -4.00 38.25
CA GLU B 125 0.62 -4.28 39.66
C GLU B 125 0.19 -3.03 40.43
N ILE B 126 0.69 -1.86 40.03
CA ILE B 126 0.22 -0.60 40.67
C ILE B 126 -1.27 -0.46 40.38
N GLN B 127 -1.64 -0.74 39.13
CA GLN B 127 -3.05 -0.69 38.77
C GLN B 127 -3.92 -1.65 39.61
N GLU B 128 -3.51 -2.91 39.77
CA GLU B 128 -4.29 -3.86 40.58
C GLU B 128 -4.44 -3.39 42.02
N SER B 129 -3.43 -2.69 42.53
CA SER B 129 -3.45 -2.21 43.90
C SER B 129 -4.47 -1.11 44.12
N ARG B 130 -4.89 -0.45 43.04
CA ARG B 130 -5.81 0.68 43.11
C ARG B 130 -7.31 0.31 42.95
N SER C 1 12.07 -2.97 14.81
CA SER C 1 11.20 -1.84 15.10
C SER C 1 9.80 -2.05 14.54
N THR C 2 9.10 -0.96 14.26
CA THR C 2 7.74 -1.03 13.72
C THR C 2 7.49 0.08 12.70
N GLY C 3 7.92 -0.15 11.47
CA GLY C 3 7.75 0.83 10.41
C GLY C 3 7.65 0.18 9.04
N GLY C 4 7.33 -1.11 9.02
CA GLY C 4 7.21 -1.85 7.78
C GLY C 4 5.76 -2.14 7.41
#